data_5QJ1
#
_entry.id   5QJ1
#
_cell.length_a   93.440
_cell.length_b   116.550
_cell.length_c   64.710
_cell.angle_alpha   90.000
_cell.angle_beta   90.000
_cell.angle_gamma   90.000
#
_symmetry.space_group_name_H-M   'P 21 21 2'
#
loop_
_entity.id
_entity.type
_entity.pdbx_description
1 polymer 'RNA-dependent RNA polymerase'
2 non-polymer 6-(ethylamino)-2-(4-fluorophenyl)-5-(3-{[1-(5-fluoropyrimidin-2-yl)cyclopropyl]carbamoyl}-4-methoxyphenyl)-N-methyl-1-benzofuran-3-carboxamide
3 non-polymer 'SULFATE ION'
4 non-polymer GLYCEROL
5 non-polymer 'TETRAETHYLENE GLYCOL'
6 water water
#
_entity_poly.entity_id   1
_entity_poly.type   'polypeptide(L)'
_entity_poly.pdbx_seq_one_letter_code
;MSMSYSWTGALITPCSPEEEKLPINPLSNSSLRYHNKVYCTTSKSASQRAKKVTFDRTQVLDAHYDSVLKDIKLAASKVS
ARLLTLEEACQLTPPHSARSKYGFGAKEVRSLSGRAVNHIKSVWKDLLEDPQTPIPTTIMAKNEVFCVDPAKGGKKPARL
IVYPDLGVRVCEKMALYDITQKLPQAVMGASYGFQYSPAQRVEYLLKAWAEKKDPMGFSYDTRCFDSTVTERDIRTEESI
YQACSLPEEARTAIHSLTERLYVGGPMFNSKGQTCGYRRCRASGVLTTSMGNTITCYVKALAACKAAGIVAPTMLVCGDD
LVVISESQGTEEDERNLRAFTEAMTRYSAPPGDPPRPEYDLELITSCSSNVSVALGPRGRRRYYLTRDPTTPLARAAWET
VRHSPINSWLGNIIQYAPTIWVRMVLMTHFFSILMVQDTLDQNLNFEMYGSVYSVNPLDLPAIIERLHGLDAFSMHTYSH
HELTRVASALRKLGAPPLRVWKSRARAVRASLISRGGKAAVCGRYLFNWAVKTKLKLTPLPEARLLDLSSWFTVGAGGGD
IFHSVSRARPRSLL
;
_entity_poly.pdbx_strand_id   A
#
# COMPACT_ATOMS: atom_id res chain seq x y z
N SER A 2 -22.19 4.72 16.75
CA SER A 2 -21.63 3.72 17.66
C SER A 2 -20.11 3.88 17.76
N MET A 3 -19.54 3.28 18.81
CA MET A 3 -18.10 3.30 19.06
C MET A 3 -17.41 2.38 18.04
N SER A 4 -16.33 2.90 17.39
CA SER A 4 -15.53 2.16 16.39
C SER A 4 -15.03 0.83 17.00
N TYR A 5 -14.67 0.87 18.29
CA TYR A 5 -14.21 -0.30 19.06
C TYR A 5 -14.64 -0.18 20.54
N SER A 6 -14.75 -1.32 21.21
CA SER A 6 -14.92 -1.46 22.68
C SER A 6 -13.75 -2.33 23.11
N TRP A 7 -13.17 -2.08 24.31
CA TRP A 7 -12.01 -2.81 24.83
C TRP A 7 -12.28 -3.44 26.21
N THR A 8 -11.68 -4.60 26.50
CA THR A 8 -11.87 -5.30 27.77
C THR A 8 -10.80 -4.93 28.82
N GLY A 9 -9.67 -4.41 28.34
CA GLY A 9 -8.52 -4.12 29.18
C GLY A 9 -7.40 -5.11 28.91
N ALA A 10 -7.68 -6.30 28.31
CA ALA A 10 -6.59 -7.24 27.97
C ALA A 10 -5.63 -6.61 26.92
N LEU A 11 -4.32 -6.83 27.09
CA LEU A 11 -3.29 -6.30 26.19
C LEU A 11 -3.32 -6.94 24.80
N ILE A 12 -2.85 -6.15 23.81
CA ILE A 12 -2.59 -6.63 22.45
C ILE A 12 -1.16 -7.18 22.61
N THR A 13 -1.02 -8.49 22.51
CA THR A 13 0.22 -9.17 22.81
C THR A 13 1.04 -9.54 21.59
N PRO A 14 2.40 -9.57 21.70
CA PRO A 14 3.21 -10.01 20.56
C PRO A 14 3.23 -11.54 20.43
N CYS A 15 3.73 -12.05 19.31
CA CYS A 15 3.90 -13.50 19.12
C CYS A 15 5.38 -13.76 18.79
N SER A 16 6.13 -12.68 18.54
CA SER A 16 7.55 -12.70 18.20
C SER A 16 8.34 -11.77 19.13
N PRO A 17 9.68 -11.96 19.29
CA PRO A 17 10.45 -10.99 20.10
C PRO A 17 10.42 -9.63 19.39
N GLU A 18 10.29 -8.53 20.15
CA GLU A 18 10.19 -7.21 19.54
C GLU A 18 11.33 -6.29 19.95
N GLU A 19 11.64 -5.32 19.09
CA GLU A 19 12.70 -4.36 19.35
C GLU A 19 12.27 -2.95 18.93
N GLU A 20 12.22 -2.02 19.88
CA GLU A 20 11.88 -0.63 19.60
C GLU A 20 13.06 0.10 18.92
N LYS A 21 14.29 -0.25 19.32
CA LYS A 21 15.50 0.40 18.83
C LYS A 21 16.66 -0.55 18.69
N LEU A 22 17.50 -0.34 17.66
CA LEU A 22 18.71 -1.12 17.47
C LEU A 22 19.70 -0.75 18.60
N PRO A 23 20.54 -1.70 19.08
CA PRO A 23 21.50 -1.33 20.15
C PRO A 23 22.52 -0.30 19.63
N ILE A 24 22.80 0.69 20.44
CA ILE A 24 23.74 1.76 20.09
C ILE A 24 25.19 1.29 20.19
N ASN A 25 26.03 1.73 19.25
CA ASN A 25 27.47 1.51 19.35
C ASN A 25 27.95 2.83 19.99
N PRO A 26 28.43 2.79 21.25
CA PRO A 26 28.86 4.05 21.90
C PRO A 26 30.03 4.78 21.25
N LEU A 27 30.84 4.10 20.42
CA LEU A 27 32.00 4.80 19.83
C LEU A 27 31.77 5.26 18.39
N SER A 28 30.50 5.31 17.98
CA SER A 28 30.07 5.75 16.65
C SER A 28 29.04 6.91 16.74
N ASN A 29 29.40 8.07 16.15
CA ASN A 29 28.50 9.21 16.06
C ASN A 29 27.34 8.89 15.12
N SER A 30 27.56 8.09 14.07
CA SER A 30 26.53 7.66 13.10
C SER A 30 25.47 6.79 13.80
N SER A 31 25.92 5.90 14.73
CA SER A 31 25.03 5.02 15.50
C SER A 31 24.13 5.88 16.40
N LEU A 32 24.68 6.98 16.95
CA LEU A 32 23.97 7.94 17.78
C LEU A 32 22.87 8.73 17.01
N ARG A 33 23.22 9.26 15.83
CA ARG A 33 22.25 9.98 14.98
C ARG A 33 21.08 9.05 14.62
N TYR A 34 21.40 7.79 14.23
CA TYR A 34 20.44 6.76 13.86
C TYR A 34 19.53 6.42 15.04
N HIS A 35 20.12 6.20 16.25
CA HIS A 35 19.42 5.92 17.50
C HIS A 35 18.47 7.03 17.91
N ASN A 36 18.87 8.30 17.68
CA ASN A 36 18.04 9.45 18.01
C ASN A 36 16.82 9.58 17.10
N LYS A 37 16.87 9.00 15.91
CA LYS A 37 15.84 9.21 14.89
C LYS A 37 15.00 8.02 14.49
N VAL A 38 15.55 6.83 14.57
CA VAL A 38 14.89 5.66 14.05
C VAL A 38 14.34 4.77 15.16
N TYR A 39 13.10 4.32 14.96
CA TYR A 39 12.46 3.40 15.89
C TYR A 39 11.60 2.38 15.13
N CYS A 40 11.31 1.28 15.79
CA CYS A 40 10.41 0.27 15.26
C CYS A 40 9.15 0.26 16.14
N THR A 41 7.95 0.24 15.54
CA THR A 41 6.70 0.17 16.31
C THR A 41 6.61 -1.23 16.90
N THR A 42 6.09 -1.36 18.12
CA THR A 42 5.94 -2.68 18.75
C THR A 42 4.58 -2.78 19.48
N SER A 43 4.24 -3.97 20.04
CA SER A 43 3.03 -4.15 20.85
C SER A 43 2.93 -3.16 22.05
N LYS A 44 4.05 -2.65 22.58
CA LYS A 44 4.05 -1.69 23.71
C LYS A 44 3.25 -0.40 23.44
N SER A 45 3.14 0.04 22.17
CA SER A 45 2.38 1.23 21.79
C SER A 45 0.97 0.86 21.26
N ALA A 46 0.60 -0.44 21.29
CA ALA A 46 -0.72 -0.89 20.79
C ALA A 46 -1.89 -0.19 21.47
N SER A 47 -1.78 0.08 22.79
CA SER A 47 -2.83 0.80 23.52
C SER A 47 -2.97 2.25 23.09
N GLN A 48 -1.85 2.93 22.76
CA GLN A 48 -1.89 4.32 22.26
C GLN A 48 -2.62 4.38 20.91
N ARG A 49 -2.42 3.35 20.05
CA ARG A 49 -3.12 3.28 18.76
C ARG A 49 -4.59 3.01 19.03
N ALA A 50 -4.89 2.08 19.97
CA ALA A 50 -6.26 1.72 20.33
C ALA A 50 -7.03 2.96 20.77
N LYS A 51 -6.41 3.88 21.56
CA LYS A 51 -7.05 5.12 21.99
C LYS A 51 -7.36 6.05 20.83
N LYS A 52 -6.40 6.21 19.90
CA LYS A 52 -6.59 7.10 18.74
C LYS A 52 -7.71 6.60 17.80
N VAL A 53 -7.84 5.28 17.65
CA VAL A 53 -8.82 4.73 16.70
C VAL A 53 -10.21 4.50 17.34
N THR A 54 -10.36 4.75 18.64
CA THR A 54 -11.63 4.53 19.36
C THR A 54 -12.38 5.84 19.52
N PHE A 55 -13.51 5.96 18.83
CA PHE A 55 -14.36 7.14 18.90
C PHE A 55 -15.75 6.81 18.38
N ASP A 56 -16.72 7.65 18.70
CA ASP A 56 -18.07 7.49 18.21
C ASP A 56 -18.17 8.09 16.83
N ARG A 57 -18.86 7.43 15.93
CA ARG A 57 -19.08 7.91 14.58
C ARG A 57 -20.49 8.48 14.47
N THR A 58 -20.63 9.49 13.63
CA THR A 58 -21.90 10.12 13.29
C THR A 58 -21.89 10.23 11.78
N GLN A 59 -23.01 9.86 11.17
CA GLN A 59 -23.12 9.92 9.74
C GLN A 59 -24.41 10.61 9.32
N VAL A 60 -24.28 11.62 8.45
CA VAL A 60 -25.39 12.39 7.89
C VAL A 60 -25.22 12.33 6.36
N LEU A 61 -26.07 11.54 5.68
CA LEU A 61 -26.03 11.37 4.23
C LEU A 61 -27.08 12.27 3.53
N ASP A 62 -26.79 12.71 2.31
CA ASP A 62 -27.64 13.65 1.56
C ASP A 62 -27.95 13.14 0.16
N ALA A 63 -28.70 13.96 -0.64
CA ALA A 63 -29.04 13.64 -2.04
C ALA A 63 -27.77 13.51 -2.90
N HIS A 64 -26.67 14.23 -2.56
CA HIS A 64 -25.42 14.12 -3.35
C HIS A 64 -24.84 12.70 -3.17
N TYR A 65 -24.83 12.21 -1.92
CA TYR A 65 -24.38 10.86 -1.59
C TYR A 65 -25.23 9.79 -2.30
N ASP A 66 -26.58 9.88 -2.17
CA ASP A 66 -27.57 8.96 -2.78
C ASP A 66 -27.42 8.85 -4.28
N SER A 67 -27.21 9.98 -4.94
CA SER A 67 -27.04 10.05 -6.40
C SER A 67 -25.78 9.30 -6.84
N VAL A 68 -24.63 9.55 -6.16
CA VAL A 68 -23.37 8.84 -6.47
C VAL A 68 -23.52 7.33 -6.23
N LEU A 69 -24.10 6.95 -5.06
CA LEU A 69 -24.30 5.54 -4.70
C LEU A 69 -25.13 4.78 -5.75
N LYS A 70 -26.21 5.43 -6.23
CA LYS A 70 -27.09 4.88 -7.26
C LYS A 70 -26.31 4.63 -8.54
N ASP A 71 -25.45 5.58 -8.95
CA ASP A 71 -24.63 5.40 -10.15
C ASP A 71 -23.64 4.26 -10.04
N ILE A 72 -23.01 4.09 -8.86
CA ILE A 72 -22.05 3.01 -8.78
C ILE A 72 -22.75 1.61 -8.74
N LYS A 73 -23.98 1.52 -8.17
CA LYS A 73 -24.80 0.28 -8.14
C LYS A 73 -25.22 -0.12 -9.55
N LEU A 74 -25.56 0.89 -10.38
CA LEU A 74 -25.93 0.74 -11.79
C LEU A 74 -24.74 0.18 -12.56
N ALA A 75 -23.52 0.74 -12.33
CA ALA A 75 -22.32 0.21 -13.02
C ALA A 75 -22.02 -1.24 -12.53
N ALA A 76 -22.15 -1.49 -11.22
CA ALA A 76 -21.95 -2.81 -10.61
C ALA A 76 -22.93 -3.85 -11.20
N SER A 77 -24.18 -3.41 -11.53
CA SER A 77 -25.20 -4.31 -12.11
C SER A 77 -24.79 -4.90 -13.48
N LYS A 78 -23.79 -4.30 -14.17
CA LYS A 78 -23.27 -4.78 -15.47
C LYS A 78 -22.17 -5.83 -15.31
N VAL A 79 -21.74 -6.11 -14.06
CA VAL A 79 -20.70 -7.08 -13.77
C VAL A 79 -21.31 -8.43 -13.44
N SER A 80 -20.71 -9.48 -13.97
CA SER A 80 -21.06 -10.85 -13.66
C SER A 80 -19.83 -11.44 -12.99
N ALA A 81 -20.01 -12.05 -11.81
CA ALA A 81 -18.89 -12.65 -11.09
C ALA A 81 -19.20 -14.08 -10.67
N ARG A 82 -18.15 -14.92 -10.55
CA ARG A 82 -18.34 -16.32 -10.21
C ARG A 82 -17.72 -16.74 -8.88
N LEU A 83 -18.17 -17.90 -8.39
CA LEU A 83 -17.60 -18.48 -7.19
C LEU A 83 -16.29 -19.12 -7.60
N LEU A 84 -15.31 -19.09 -6.69
CA LEU A 84 -14.07 -19.80 -6.94
C LEU A 84 -14.38 -21.18 -6.37
N THR A 85 -13.84 -22.25 -6.96
CA THR A 85 -14.10 -23.57 -6.37
C THR A 85 -13.21 -23.66 -5.12
N LEU A 86 -13.54 -24.58 -4.19
CA LEU A 86 -12.75 -24.78 -2.97
C LEU A 86 -11.23 -24.93 -3.29
N GLU A 87 -10.91 -25.66 -4.37
CA GLU A 87 -9.53 -25.92 -4.82
C GLU A 87 -8.78 -24.69 -5.32
N GLU A 88 -9.45 -23.84 -6.13
CA GLU A 88 -8.87 -22.59 -6.66
C GLU A 88 -8.52 -21.64 -5.51
N ALA A 89 -9.44 -21.49 -4.54
CA ALA A 89 -9.27 -20.63 -3.37
C ALA A 89 -8.14 -21.09 -2.48
N CYS A 90 -7.96 -22.43 -2.35
CA CYS A 90 -6.85 -23.06 -1.60
C CYS A 90 -5.55 -22.74 -2.27
N GLN A 91 -5.53 -22.83 -3.62
CA GLN A 91 -4.38 -22.55 -4.48
C GLN A 91 -3.95 -21.08 -4.43
N LEU A 92 -4.89 -20.15 -4.17
CA LEU A 92 -4.61 -18.71 -4.07
C LEU A 92 -4.02 -18.29 -2.73
N THR A 93 -3.94 -19.22 -1.75
CA THR A 93 -3.38 -18.93 -0.44
C THR A 93 -1.85 -18.80 -0.54
N PRO A 94 -1.24 -17.67 -0.08
CA PRO A 94 0.23 -17.53 -0.17
C PRO A 94 1.02 -18.53 0.66
N PRO A 95 2.27 -18.93 0.25
CA PRO A 95 3.04 -19.95 0.98
C PRO A 95 3.16 -19.85 2.50
N HIS A 96 3.22 -18.65 3.08
CA HIS A 96 3.38 -18.59 4.53
C HIS A 96 2.25 -17.82 5.25
N SER A 97 1.02 -17.92 4.72
CA SER A 97 -0.17 -17.30 5.32
C SER A 97 -0.32 -17.85 6.74
N ALA A 98 -0.68 -16.99 7.72
CA ALA A 98 -0.80 -17.37 9.12
C ALA A 98 -1.61 -18.67 9.27
N ARG A 99 -1.03 -19.66 9.97
CA ARG A 99 -1.69 -20.95 10.13
C ARG A 99 -3.01 -20.86 10.94
N SER A 100 -3.89 -21.81 10.70
CA SER A 100 -5.17 -21.95 11.38
C SER A 100 -4.99 -22.42 12.83
N LYS A 101 -5.96 -22.08 13.69
CA LYS A 101 -6.06 -22.51 15.09
C LYS A 101 -6.40 -24.00 15.12
N TYR A 102 -6.96 -24.52 14.03
CA TYR A 102 -7.44 -25.89 13.88
C TYR A 102 -6.36 -26.92 13.49
N GLY A 103 -5.09 -26.53 13.66
CA GLY A 103 -3.96 -27.40 13.39
C GLY A 103 -3.74 -27.77 11.95
N PHE A 104 -3.49 -26.76 11.11
CA PHE A 104 -3.11 -26.84 9.69
C PHE A 104 -2.66 -25.47 9.22
N GLY A 105 -1.66 -25.47 8.36
CA GLY A 105 -1.09 -24.24 7.83
C GLY A 105 -1.35 -24.08 6.36
N ALA A 106 -0.69 -23.08 5.76
CA ALA A 106 -0.82 -22.75 4.34
C ALA A 106 -0.32 -23.90 3.45
N LYS A 107 0.69 -24.67 3.90
CA LYS A 107 1.23 -25.82 3.14
C LYS A 107 0.15 -26.90 2.94
N GLU A 108 -0.62 -27.22 3.99
CA GLU A 108 -1.71 -28.21 3.90
C GLU A 108 -2.84 -27.68 3.01
N VAL A 109 -3.16 -26.36 3.12
CA VAL A 109 -4.20 -25.70 2.30
C VAL A 109 -3.81 -25.76 0.82
N ARG A 110 -2.60 -25.26 0.48
CA ARG A 110 -2.04 -25.22 -0.89
C ARG A 110 -1.97 -26.59 -1.56
N SER A 111 -1.59 -27.63 -0.80
CA SER A 111 -1.45 -29.01 -1.32
C SER A 111 -2.76 -29.79 -1.30
N LEU A 112 -3.86 -29.14 -0.85
CA LEU A 112 -5.21 -29.73 -0.75
C LEU A 112 -5.29 -30.95 0.19
N SER A 113 -4.56 -30.93 1.33
CA SER A 113 -4.63 -32.02 2.30
C SER A 113 -6.09 -32.19 2.81
N GLY A 114 -6.55 -33.46 2.84
CA GLY A 114 -7.91 -33.84 3.22
C GLY A 114 -8.52 -33.12 4.41
N ARG A 115 -7.79 -33.05 5.53
CA ARG A 115 -8.25 -32.40 6.75
C ARG A 115 -8.46 -30.87 6.55
N ALA A 116 -7.50 -30.19 5.88
CA ALA A 116 -7.61 -28.74 5.62
C ALA A 116 -8.80 -28.46 4.70
N VAL A 117 -8.95 -29.25 3.62
CA VAL A 117 -10.04 -29.13 2.65
C VAL A 117 -11.41 -29.35 3.29
N ASN A 118 -11.52 -30.36 4.16
CA ASN A 118 -12.79 -30.68 4.81
C ASN A 118 -13.12 -29.73 5.96
N HIS A 119 -12.10 -29.09 6.55
CA HIS A 119 -12.34 -28.07 7.58
C HIS A 119 -12.92 -26.82 6.88
N ILE A 120 -12.33 -26.42 5.75
CA ILE A 120 -12.77 -25.25 4.96
C ILE A 120 -14.19 -25.49 4.43
N LYS A 121 -14.49 -26.75 4.02
CA LYS A 121 -15.82 -27.16 3.53
C LYS A 121 -16.88 -26.90 4.61
N SER A 122 -16.56 -27.23 5.90
CA SER A 122 -17.52 -26.97 6.97
C SER A 122 -17.64 -25.45 7.28
N VAL A 123 -16.54 -24.67 7.15
CA VAL A 123 -16.60 -23.21 7.31
C VAL A 123 -17.56 -22.63 6.23
N TRP A 124 -17.41 -23.08 4.98
CA TRP A 124 -18.25 -22.70 3.85
C TRP A 124 -19.73 -23.05 4.09
N LYS A 125 -20.03 -24.32 4.43
CA LYS A 125 -21.42 -24.77 4.71
C LYS A 125 -22.02 -23.97 5.86
N ASP A 126 -21.20 -23.67 6.88
CA ASP A 126 -21.63 -22.86 8.04
C ASP A 126 -21.98 -21.44 7.65
N LEU A 127 -21.27 -20.87 6.65
CA LEU A 127 -21.60 -19.52 6.14
C LEU A 127 -22.96 -19.56 5.41
N LEU A 128 -23.24 -20.64 4.69
CA LEU A 128 -24.51 -20.83 3.98
C LEU A 128 -25.70 -21.05 4.93
N GLU A 129 -25.50 -21.68 6.10
CA GLU A 129 -26.63 -21.95 7.00
C GLU A 129 -26.77 -20.97 8.17
N ASP A 130 -25.71 -20.24 8.49
CA ASP A 130 -25.75 -19.30 9.58
C ASP A 130 -25.36 -17.89 9.09
N PRO A 131 -26.33 -16.94 9.05
CA PRO A 131 -26.01 -15.57 8.60
C PRO A 131 -25.73 -14.60 9.76
N GLN A 132 -25.67 -15.09 11.03
CA GLN A 132 -25.64 -14.17 12.17
C GLN A 132 -24.51 -14.29 13.19
N THR A 133 -24.03 -15.50 13.50
CA THR A 133 -23.04 -15.68 14.58
C THR A 133 -21.73 -14.92 14.29
N PRO A 134 -21.33 -13.95 15.14
CA PRO A 134 -20.05 -13.25 14.87
C PRO A 134 -18.86 -14.21 14.74
N ILE A 135 -18.01 -13.94 13.74
CA ILE A 135 -16.80 -14.72 13.45
C ILE A 135 -15.64 -14.14 14.28
N PRO A 136 -14.86 -14.97 15.01
CA PRO A 136 -13.76 -14.40 15.82
C PRO A 136 -12.57 -13.92 14.97
N THR A 137 -11.85 -12.93 15.49
CA THR A 137 -10.66 -12.40 14.80
C THR A 137 -9.52 -12.24 15.79
N THR A 138 -8.29 -12.17 15.26
CA THR A 138 -7.08 -11.93 16.05
C THR A 138 -6.69 -10.47 15.79
N ILE A 139 -6.23 -9.79 16.84
CA ILE A 139 -5.69 -8.44 16.77
C ILE A 139 -4.19 -8.53 17.10
N MET A 140 -3.34 -7.96 16.22
CA MET A 140 -1.88 -7.95 16.38
C MET A 140 -1.32 -6.52 16.07
N ALA A 141 -0.24 -6.15 16.77
CA ALA A 141 0.44 -4.88 16.55
C ALA A 141 1.52 -5.13 15.48
N LYS A 142 1.54 -4.32 14.43
CA LYS A 142 2.52 -4.42 13.35
C LYS A 142 3.88 -3.89 13.80
N ASN A 143 4.97 -4.51 13.33
CA ASN A 143 6.33 -4.05 13.63
C ASN A 143 6.90 -3.31 12.40
N GLU A 144 6.83 -1.97 12.41
CA GLU A 144 7.32 -1.15 11.30
C GLU A 144 8.31 -0.10 11.75
N VAL A 145 9.36 0.06 10.93
CA VAL A 145 10.42 1.03 11.16
C VAL A 145 10.03 2.39 10.59
N PHE A 146 10.24 3.45 11.38
CA PHE A 146 9.98 4.82 10.96
C PHE A 146 11.09 5.73 11.46
N CYS A 147 11.14 6.98 10.93
N CYS A 147 11.04 6.99 10.98
CA CYS A 147 12.08 8.04 11.33
CA CYS A 147 11.90 8.08 11.37
C CYS A 147 11.24 9.19 11.95
C CYS A 147 11.06 9.11 12.09
N VAL A 148 11.62 9.69 13.16
CA VAL A 148 10.89 10.77 13.87
C VAL A 148 10.96 12.08 13.09
N ASP A 149 9.87 12.90 13.20
CA ASP A 149 9.68 14.24 12.61
C ASP A 149 9.95 14.29 11.11
N GLY A 154 5.35 13.13 18.04
CA GLY A 154 6.55 12.30 18.10
C GLY A 154 6.39 10.98 17.35
N LYS A 155 6.77 9.87 18.03
CA LYS A 155 6.70 8.51 17.51
C LYS A 155 5.26 8.08 17.18
N LYS A 156 5.07 7.42 16.02
CA LYS A 156 3.80 6.85 15.59
C LYS A 156 3.57 5.58 16.40
N PRO A 157 2.40 5.37 17.06
CA PRO A 157 2.19 4.07 17.72
C PRO A 157 1.99 2.97 16.66
N ALA A 158 2.10 1.70 17.05
CA ALA A 158 1.93 0.56 16.13
C ALA A 158 0.58 0.56 15.41
N ARG A 159 0.56 0.14 14.13
CA ARG A 159 -0.71 -0.04 13.40
C ARG A 159 -1.23 -1.42 13.85
N LEU A 160 -2.54 -1.61 13.84
CA LEU A 160 -3.18 -2.85 14.28
C LEU A 160 -3.74 -3.63 13.11
N ILE A 161 -3.56 -4.95 13.15
CA ILE A 161 -4.05 -5.86 12.12
C ILE A 161 -5.12 -6.74 12.74
N VAL A 162 -6.31 -6.76 12.12
CA VAL A 162 -7.47 -7.52 12.58
C VAL A 162 -7.83 -8.51 11.49
N TYR A 163 -7.70 -9.82 11.76
CA TYR A 163 -7.93 -10.83 10.75
C TYR A 163 -8.61 -12.11 11.23
N PRO A 164 -9.45 -12.77 10.37
CA PRO A 164 -10.05 -14.03 10.80
C PRO A 164 -9.11 -15.20 10.55
N ASP A 165 -9.54 -16.39 10.99
CA ASP A 165 -8.79 -17.63 10.84
C ASP A 165 -8.59 -18.02 9.37
N LEU A 166 -7.47 -18.70 9.08
CA LEU A 166 -7.12 -19.21 7.74
C LEU A 166 -8.31 -19.88 6.99
N GLY A 167 -9.08 -20.74 7.66
CA GLY A 167 -10.27 -21.38 7.06
C GLY A 167 -11.31 -20.38 6.56
N VAL A 168 -11.52 -19.27 7.31
CA VAL A 168 -12.42 -18.18 6.91
C VAL A 168 -11.79 -17.42 5.71
N ARG A 169 -10.48 -17.17 5.74
CA ARG A 169 -9.77 -16.46 4.67
C ARG A 169 -9.91 -17.16 3.35
N VAL A 170 -9.85 -18.52 3.34
CA VAL A 170 -10.06 -19.29 2.11
C VAL A 170 -11.50 -19.10 1.60
N CYS A 171 -12.50 -19.12 2.52
CA CYS A 171 -13.91 -18.93 2.17
C CYS A 171 -14.21 -17.56 1.57
N GLU A 172 -13.57 -16.49 2.09
CA GLU A 172 -13.73 -15.11 1.56
C GLU A 172 -13.35 -15.10 0.09
N LYS A 173 -12.23 -15.78 -0.27
CA LYS A 173 -11.77 -15.89 -1.67
C LYS A 173 -12.80 -16.61 -2.53
N MET A 174 -13.42 -17.70 -2.00
CA MET A 174 -14.45 -18.45 -2.76
C MET A 174 -15.61 -17.51 -3.14
N ALA A 175 -16.08 -16.70 -2.18
CA ALA A 175 -17.22 -15.79 -2.32
C ALA A 175 -16.88 -14.53 -3.09
N LEU A 176 -15.72 -13.90 -2.81
CA LEU A 176 -15.41 -12.57 -3.30
C LEU A 176 -14.17 -12.38 -4.12
N TYR A 177 -13.32 -13.39 -4.32
CA TYR A 177 -12.11 -13.14 -5.09
C TYR A 177 -12.40 -12.58 -6.49
N ASP A 178 -13.34 -13.20 -7.22
CA ASP A 178 -13.68 -12.72 -8.58
C ASP A 178 -14.18 -11.26 -8.57
N ILE A 179 -14.97 -10.89 -7.54
CA ILE A 179 -15.50 -9.52 -7.32
C ILE A 179 -14.35 -8.50 -7.15
N THR A 180 -13.34 -8.83 -6.33
CA THR A 180 -12.19 -7.96 -6.07
C THR A 180 -11.36 -7.69 -7.34
N GLN A 181 -11.39 -8.63 -8.29
CA GLN A 181 -10.64 -8.55 -9.53
C GLN A 181 -11.43 -7.82 -10.62
N LYS A 182 -12.74 -7.64 -10.42
CA LYS A 182 -13.61 -7.05 -11.44
C LYS A 182 -14.34 -5.76 -11.10
N LEU A 183 -14.96 -5.73 -9.90
CA LEU A 183 -15.82 -4.64 -9.44
C LEU A 183 -15.16 -3.25 -9.39
N PRO A 184 -13.94 -3.07 -8.78
CA PRO A 184 -13.39 -1.71 -8.68
C PRO A 184 -13.21 -1.01 -10.02
N GLN A 185 -12.62 -1.66 -11.03
CA GLN A 185 -12.40 -1.09 -12.37
C GLN A 185 -13.74 -0.82 -13.05
N ALA A 186 -14.70 -1.75 -12.91
CA ALA A 186 -16.04 -1.60 -13.50
C ALA A 186 -16.81 -0.38 -12.98
N VAL A 187 -16.72 -0.09 -11.68
CA VAL A 187 -17.50 1.00 -11.09
C VAL A 187 -16.74 2.33 -11.02
N MET A 188 -15.41 2.29 -11.07
CA MET A 188 -14.63 3.53 -10.92
C MET A 188 -13.89 3.92 -12.19
N GLY A 189 -13.73 2.97 -13.11
CA GLY A 189 -13.00 3.16 -14.36
C GLY A 189 -11.57 3.58 -14.09
N ALA A 190 -11.15 4.69 -14.74
CA ALA A 190 -9.80 5.28 -14.69
C ALA A 190 -9.41 5.78 -13.31
N SER A 191 -10.41 6.07 -12.45
CA SER A 191 -10.21 6.55 -11.08
C SER A 191 -9.63 5.46 -10.16
N TYR A 192 -9.77 4.17 -10.55
CA TYR A 192 -9.26 3.05 -9.77
C TYR A 192 -7.72 3.06 -9.76
N GLY A 193 -7.14 3.43 -8.63
CA GLY A 193 -5.70 3.62 -8.47
C GLY A 193 -4.78 2.42 -8.60
N PHE A 194 -5.26 1.21 -8.31
CA PHE A 194 -4.40 0.02 -8.29
C PHE A 194 -4.20 -0.68 -9.64
N GLN A 195 -4.62 -0.09 -10.75
CA GLN A 195 -4.45 -0.70 -12.06
C GLN A 195 -3.22 -0.16 -12.81
N TYR A 196 -2.54 0.83 -12.23
CA TYR A 196 -1.43 1.49 -12.89
C TYR A 196 -0.05 1.13 -12.38
N SER A 197 0.86 0.99 -13.33
CA SER A 197 2.28 0.85 -13.06
C SER A 197 2.71 2.30 -12.70
N PRO A 198 3.88 2.55 -12.08
CA PRO A 198 4.27 3.94 -11.80
C PRO A 198 4.34 4.87 -13.04
N ALA A 199 4.83 4.38 -14.21
CA ALA A 199 4.87 5.23 -15.42
C ALA A 199 3.45 5.55 -15.93
N GLN A 200 2.50 4.61 -15.78
CA GLN A 200 1.12 4.80 -16.23
C GLN A 200 0.39 5.77 -15.29
N ARG A 201 0.72 5.73 -13.97
CA ARG A 201 0.12 6.63 -12.98
C ARG A 201 0.51 8.08 -13.30
N VAL A 202 1.81 8.28 -13.63
CA VAL A 202 2.39 9.58 -13.96
C VAL A 202 1.74 10.09 -15.23
N GLU A 203 1.60 9.21 -16.23
CA GLU A 203 0.94 9.56 -17.49
C GLU A 203 -0.51 10.03 -17.23
N TYR A 204 -1.23 9.34 -16.33
CA TYR A 204 -2.59 9.65 -15.95
C TYR A 204 -2.68 11.04 -15.29
N LEU A 205 -1.77 11.35 -14.35
CA LEU A 205 -1.71 12.64 -13.67
C LEU A 205 -1.35 13.79 -14.65
N LEU A 206 -0.41 13.53 -15.58
CA LEU A 206 -0.01 14.55 -16.56
C LEU A 206 -1.17 14.90 -17.53
N LYS A 207 -1.95 13.89 -17.95
CA LYS A 207 -3.11 14.08 -18.82
C LYS A 207 -4.23 14.83 -18.05
N ALA A 208 -4.47 14.46 -16.78
CA ALA A 208 -5.48 15.10 -15.92
C ALA A 208 -5.14 16.59 -15.77
N TRP A 209 -3.86 16.90 -15.51
CA TRP A 209 -3.35 18.25 -15.36
C TRP A 209 -3.48 19.07 -16.66
N ALA A 210 -3.04 18.50 -17.81
CA ALA A 210 -3.02 19.17 -19.12
C ALA A 210 -4.40 19.45 -19.69
N GLU A 211 -5.40 18.60 -19.35
CA GLU A 211 -6.75 18.76 -19.88
C GLU A 211 -7.55 19.89 -19.21
N LYS A 212 -7.08 20.41 -18.05
CA LYS A 212 -7.78 21.52 -17.41
C LYS A 212 -7.28 22.83 -18.01
N LYS A 213 -8.18 23.81 -18.22
CA LYS A 213 -7.80 25.15 -18.71
C LYS A 213 -6.90 25.81 -17.63
N ASP A 214 -7.29 25.66 -16.36
CA ASP A 214 -6.58 26.27 -15.23
C ASP A 214 -6.55 25.24 -14.08
N PRO A 215 -5.55 24.33 -14.06
CA PRO A 215 -5.59 23.23 -13.07
C PRO A 215 -5.32 23.57 -11.62
N MET A 216 -6.02 22.85 -10.75
CA MET A 216 -5.81 22.91 -9.32
C MET A 216 -5.90 21.46 -8.89
N GLY A 217 -5.05 21.06 -7.97
CA GLY A 217 -5.09 19.71 -7.42
C GLY A 217 -4.96 19.72 -5.92
N PHE A 218 -5.53 18.70 -5.28
CA PHE A 218 -5.40 18.51 -3.84
C PHE A 218 -5.46 17.03 -3.50
N SER A 219 -4.87 16.69 -2.36
CA SER A 219 -4.93 15.34 -1.81
C SER A 219 -5.74 15.43 -0.52
N TYR A 220 -6.39 14.34 -0.15
CA TYR A 220 -7.19 14.27 1.06
C TYR A 220 -6.78 13.04 1.85
N ASP A 221 -6.59 13.22 3.15
CA ASP A 221 -6.24 12.14 4.07
C ASP A 221 -7.32 12.01 5.11
N THR A 222 -7.96 10.86 5.19
CA THR A 222 -8.95 10.65 6.25
C THR A 222 -8.19 10.27 7.52
N ARG A 223 -8.55 10.84 8.66
CA ARG A 223 -7.96 10.52 9.96
C ARG A 223 -8.50 9.13 10.35
N CYS A 224 -7.63 8.09 10.47
CA CYS A 224 -7.97 6.69 10.88
C CYS A 224 -9.15 6.14 10.05
N PHE A 225 -9.03 6.10 8.71
CA PHE A 225 -10.10 5.68 7.82
C PHE A 225 -10.85 4.40 8.24
N ASP A 226 -10.12 3.30 8.53
CA ASP A 226 -10.72 2.03 8.93
C ASP A 226 -11.75 2.21 10.06
N SER A 227 -11.40 3.00 11.08
CA SER A 227 -12.28 3.33 12.21
C SER A 227 -13.45 4.25 11.81
N THR A 228 -13.32 5.01 10.72
CA THR A 228 -14.40 5.91 10.27
C THR A 228 -15.48 5.15 9.50
N VAL A 229 -15.17 3.92 9.03
CA VAL A 229 -16.11 3.10 8.25
C VAL A 229 -17.21 2.58 9.20
N THR A 230 -18.46 2.94 8.93
CA THR A 230 -19.59 2.58 9.80
C THR A 230 -20.17 1.22 9.39
N GLU A 231 -21.06 0.67 10.22
CA GLU A 231 -21.77 -0.60 9.91
C GLU A 231 -22.65 -0.37 8.69
N ARG A 232 -23.28 0.81 8.59
CA ARG A 232 -24.08 1.21 7.43
C ARG A 232 -23.18 1.28 6.16
N ASP A 233 -21.93 1.79 6.27
CA ASP A 233 -20.99 1.82 5.13
C ASP A 233 -20.68 0.42 4.63
N ILE A 234 -20.48 -0.53 5.56
CA ILE A 234 -20.14 -1.92 5.23
C ILE A 234 -21.33 -2.68 4.61
N ARG A 235 -22.56 -2.42 5.11
CA ARG A 235 -23.80 -3.01 4.55
C ARG A 235 -24.05 -2.41 3.16
N THR A 236 -23.70 -1.13 2.97
CA THR A 236 -23.77 -0.46 1.66
C THR A 236 -22.80 -1.13 0.69
N GLU A 237 -21.56 -1.44 1.14
CA GLU A 237 -20.61 -2.20 0.27
C GLU A 237 -21.21 -3.53 -0.13
N GLU A 238 -21.87 -4.25 0.83
CA GLU A 238 -22.51 -5.50 0.49
C GLU A 238 -23.58 -5.29 -0.62
N SER A 239 -24.40 -4.23 -0.54
CA SER A 239 -25.43 -3.96 -1.56
C SER A 239 -24.80 -3.61 -2.91
N ILE A 240 -23.55 -3.06 -2.90
CA ILE A 240 -22.81 -2.83 -4.13
C ILE A 240 -22.41 -4.19 -4.67
N TYR A 241 -21.87 -5.09 -3.81
CA TYR A 241 -21.48 -6.43 -4.26
C TYR A 241 -22.72 -7.21 -4.81
N GLN A 242 -23.87 -7.13 -4.12
CA GLN A 242 -25.10 -7.83 -4.50
C GLN A 242 -25.72 -7.27 -5.79
N ALA A 243 -25.34 -6.02 -6.21
CA ALA A 243 -25.83 -5.41 -7.46
C ALA A 243 -25.27 -6.17 -8.65
N CYS A 244 -24.12 -6.90 -8.47
CA CYS A 244 -23.50 -7.76 -9.51
C CYS A 244 -24.39 -8.97 -9.79
N SER A 245 -24.19 -9.62 -10.95
CA SER A 245 -24.87 -10.89 -11.25
C SER A 245 -23.99 -12.00 -10.66
N LEU A 246 -24.57 -12.76 -9.74
CA LEU A 246 -23.83 -13.73 -8.96
C LEU A 246 -24.60 -15.04 -8.79
N PRO A 247 -23.90 -16.18 -8.60
CA PRO A 247 -24.62 -17.43 -8.24
C PRO A 247 -25.26 -17.21 -6.86
N GLU A 248 -26.43 -17.83 -6.60
CA GLU A 248 -27.17 -17.68 -5.34
C GLU A 248 -26.33 -18.06 -4.10
N GLU A 249 -25.43 -19.04 -4.24
CA GLU A 249 -24.54 -19.50 -3.17
C GLU A 249 -23.55 -18.39 -2.78
N ALA A 250 -23.05 -17.61 -3.77
CA ALA A 250 -22.17 -16.46 -3.51
C ALA A 250 -22.94 -15.39 -2.75
N ARG A 251 -24.19 -15.10 -3.13
CA ARG A 251 -25.07 -14.11 -2.48
C ARG A 251 -25.28 -14.42 -0.99
N THR A 252 -25.51 -15.71 -0.65
CA THR A 252 -25.70 -16.18 0.73
C THR A 252 -24.39 -16.01 1.54
N ALA A 253 -23.28 -16.46 1.00
CA ALA A 253 -21.96 -16.40 1.64
C ALA A 253 -21.50 -14.96 1.83
N ILE A 254 -21.74 -14.09 0.86
CA ILE A 254 -21.41 -12.66 0.92
C ILE A 254 -22.23 -11.97 2.03
N HIS A 255 -23.54 -12.27 2.10
CA HIS A 255 -24.42 -11.75 3.17
C HIS A 255 -23.93 -12.16 4.57
N SER A 256 -23.60 -13.47 4.74
CA SER A 256 -23.12 -14.01 6.01
C SER A 256 -21.78 -13.40 6.40
N LEU A 257 -20.83 -13.32 5.46
CA LEU A 257 -19.53 -12.67 5.69
C LEU A 257 -19.71 -11.23 6.12
N THR A 258 -20.60 -10.47 5.46
CA THR A 258 -20.88 -9.07 5.85
C THR A 258 -21.39 -8.98 7.29
N GLU A 259 -22.39 -9.78 7.65
CA GLU A 259 -23.02 -9.73 8.98
C GLU A 259 -22.18 -10.35 10.10
N ARG A 260 -21.38 -11.37 9.78
CA ARG A 260 -20.64 -12.07 10.83
C ARG A 260 -19.20 -11.62 10.98
N LEU A 261 -18.65 -11.03 9.93
CA LEU A 261 -17.25 -10.64 9.93
C LEU A 261 -16.99 -9.17 9.59
N TYR A 262 -17.53 -8.70 8.45
CA TYR A 262 -17.20 -7.36 7.96
C TYR A 262 -17.77 -6.22 8.79
N VAL A 263 -19.04 -6.30 9.26
CA VAL A 263 -19.65 -5.24 10.08
C VAL A 263 -19.01 -5.12 11.46
N GLY A 264 -18.48 -6.23 11.97
CA GLY A 264 -17.90 -6.28 13.30
C GLY A 264 -17.76 -7.68 13.86
N GLY A 265 -17.29 -7.74 15.10
CA GLY A 265 -17.04 -9.00 15.78
C GLY A 265 -16.00 -8.88 16.87
N PRO A 266 -15.86 -9.94 17.70
CA PRO A 266 -14.86 -9.89 18.78
C PRO A 266 -13.44 -10.07 18.29
N MET A 267 -12.51 -9.43 18.99
CA MET A 267 -11.08 -9.48 18.71
C MET A 267 -10.41 -10.17 19.90
N PHE A 268 -9.50 -11.09 19.61
CA PHE A 268 -8.73 -11.83 20.61
C PHE A 268 -7.25 -11.56 20.38
N ASN A 269 -6.43 -11.48 21.45
CA ASN A 269 -4.99 -11.32 21.30
C ASN A 269 -4.34 -12.67 20.92
N SER A 270 -3.01 -12.70 20.76
CA SER A 270 -2.23 -13.88 20.39
C SER A 270 -2.33 -15.04 21.40
N LYS A 271 -2.75 -14.73 22.64
CA LYS A 271 -2.91 -15.69 23.75
C LYS A 271 -4.35 -16.27 23.87
N GLY A 272 -5.26 -15.83 23.00
CA GLY A 272 -6.66 -16.26 23.03
C GLY A 272 -7.55 -15.49 23.99
N GLN A 273 -7.02 -14.44 24.61
CA GLN A 273 -7.80 -13.59 25.52
C GLN A 273 -8.63 -12.61 24.70
N THR A 274 -9.84 -12.30 25.18
CA THR A 274 -10.71 -11.34 24.52
C THR A 274 -10.15 -9.94 24.75
N CYS A 275 -9.89 -9.23 23.65
CA CYS A 275 -9.34 -7.90 23.60
C CYS A 275 -10.40 -6.81 23.53
N GLY A 276 -11.39 -7.04 22.68
CA GLY A 276 -12.47 -6.10 22.49
C GLY A 276 -13.43 -6.54 21.42
N TYR A 277 -14.20 -5.56 20.96
CA TYR A 277 -15.22 -5.76 19.94
C TYR A 277 -15.09 -4.60 18.96
N ARG A 278 -15.14 -4.91 17.66
CA ARG A 278 -14.98 -3.99 16.56
C ARG A 278 -16.33 -3.71 15.90
N ARG A 279 -16.59 -2.46 15.51
CA ARG A 279 -17.80 -2.07 14.80
C ARG A 279 -17.41 -1.18 13.59
N CYS A 280 -16.24 -1.45 13.01
CA CYS A 280 -15.72 -0.72 11.84
C CYS A 280 -14.98 -1.70 10.93
N ARG A 281 -14.27 -1.16 9.93
CA ARG A 281 -13.49 -1.96 9.00
C ARG A 281 -12.44 -2.80 9.69
N ALA A 282 -12.36 -4.10 9.31
CA ALA A 282 -11.30 -5.00 9.76
C ALA A 282 -10.17 -4.77 8.76
N SER A 283 -8.97 -4.55 9.25
CA SER A 283 -7.80 -4.26 8.40
C SER A 283 -7.27 -5.46 7.62
N GLY A 284 -7.47 -6.68 8.13
CA GLY A 284 -6.94 -7.91 7.52
C GLY A 284 -7.96 -8.82 6.87
N VAL A 285 -8.95 -8.24 6.19
CA VAL A 285 -9.94 -9.04 5.44
C VAL A 285 -9.74 -8.84 3.94
N LEU A 286 -10.26 -9.76 3.12
CA LEU A 286 -10.12 -9.73 1.68
C LEU A 286 -10.66 -8.43 1.07
N THR A 287 -11.75 -7.93 1.64
CA THR A 287 -12.43 -6.73 1.14
C THR A 287 -11.89 -5.38 1.67
N THR A 288 -10.81 -5.37 2.48
CA THR A 288 -10.28 -4.13 3.04
C THR A 288 -9.90 -3.10 1.94
N SER A 289 -9.06 -3.51 0.99
CA SER A 289 -8.59 -2.61 -0.06
C SER A 289 -9.73 -2.15 -0.98
N MET A 290 -10.53 -3.09 -1.49
CA MET A 290 -11.63 -2.80 -2.40
C MET A 290 -12.73 -1.95 -1.72
N GLY A 291 -13.14 -2.38 -0.53
CA GLY A 291 -14.14 -1.68 0.29
C GLY A 291 -13.72 -0.26 0.58
N ASN A 292 -12.47 -0.07 1.02
CA ASN A 292 -11.95 1.28 1.31
C ASN A 292 -11.91 2.15 0.06
N THR A 293 -11.44 1.60 -1.09
CA THR A 293 -11.33 2.34 -2.36
C THR A 293 -12.72 2.78 -2.86
N ILE A 294 -13.68 1.85 -2.89
CA ILE A 294 -15.04 2.17 -3.34
C ILE A 294 -15.72 3.17 -2.41
N THR A 295 -15.64 2.94 -1.09
CA THR A 295 -16.27 3.82 -0.10
C THR A 295 -15.65 5.21 -0.12
N CYS A 296 -14.32 5.30 -0.22
CA CYS A 296 -13.64 6.61 -0.28
C CYS A 296 -14.09 7.35 -1.55
N TYR A 297 -14.15 6.65 -2.69
CA TYR A 297 -14.59 7.17 -3.98
C TYR A 297 -16.02 7.73 -3.94
N VAL A 298 -16.96 6.96 -3.34
CA VAL A 298 -18.36 7.31 -3.20
C VAL A 298 -18.50 8.58 -2.36
N LYS A 299 -17.85 8.60 -1.19
CA LYS A 299 -17.88 9.72 -0.28
C LYS A 299 -17.23 10.97 -0.91
N ALA A 300 -16.08 10.79 -1.60
CA ALA A 300 -15.35 11.90 -2.23
C ALA A 300 -16.11 12.49 -3.44
N LEU A 301 -16.71 11.65 -4.29
CA LEU A 301 -17.45 12.10 -5.48
C LEU A 301 -18.68 12.92 -5.06
N ALA A 302 -19.35 12.46 -3.97
CA ALA A 302 -20.50 13.12 -3.37
C ALA A 302 -20.06 14.45 -2.75
N ALA A 303 -18.92 14.47 -2.03
CA ALA A 303 -18.36 15.68 -1.40
C ALA A 303 -17.94 16.74 -2.45
N CYS A 304 -17.45 16.29 -3.63
CA CYS A 304 -17.06 17.11 -4.77
C CYS A 304 -18.30 17.86 -5.28
N LYS A 305 -19.43 17.14 -5.39
CA LYS A 305 -20.73 17.66 -5.83
C LYS A 305 -21.27 18.65 -4.80
N ALA A 306 -21.20 18.30 -3.49
CA ALA A 306 -21.64 19.17 -2.40
C ALA A 306 -20.86 20.49 -2.32
N ALA A 307 -19.55 20.43 -2.64
CA ALA A 307 -18.61 21.57 -2.58
C ALA A 307 -18.56 22.44 -3.85
N GLY A 308 -19.17 21.98 -4.94
CA GLY A 308 -19.13 22.69 -6.20
C GLY A 308 -17.78 22.64 -6.91
N ILE A 309 -17.01 21.53 -6.74
CA ILE A 309 -15.71 21.30 -7.40
C ILE A 309 -16.01 21.19 -8.90
N VAL A 310 -15.32 21.97 -9.75
CA VAL A 310 -15.56 22.01 -11.20
C VAL A 310 -14.68 21.00 -11.96
N ALA A 311 -15.33 20.11 -12.74
CA ALA A 311 -14.74 19.05 -13.56
C ALA A 311 -13.68 18.22 -12.77
N PRO A 312 -14.08 17.52 -11.68
CA PRO A 312 -13.07 16.71 -10.95
C PRO A 312 -12.62 15.49 -11.73
N THR A 313 -11.29 15.24 -11.73
CA THR A 313 -10.66 14.01 -12.22
C THR A 313 -10.08 13.46 -10.92
N MET A 314 -10.52 12.27 -10.52
CA MET A 314 -10.15 11.65 -9.26
C MET A 314 -9.23 10.43 -9.41
N LEU A 315 -8.33 10.24 -8.45
CA LEU A 315 -7.46 9.05 -8.39
C LEU A 315 -7.52 8.55 -6.96
N VAL A 316 -8.03 7.31 -6.75
CA VAL A 316 -8.26 6.71 -5.41
C VAL A 316 -7.46 5.39 -5.18
N CYS A 317 -6.68 5.36 -4.08
CA CYS A 317 -5.91 4.19 -3.61
C CYS A 317 -6.26 3.95 -2.18
N GLY A 318 -7.30 3.15 -1.94
CA GLY A 318 -7.80 2.88 -0.59
C GLY A 318 -8.37 4.16 -0.04
N ASP A 319 -7.79 4.66 1.03
CA ASP A 319 -8.23 5.93 1.59
C ASP A 319 -7.39 7.10 1.08
N ASP A 320 -6.42 6.85 0.19
CA ASP A 320 -5.62 7.94 -0.37
C ASP A 320 -6.35 8.43 -1.62
N LEU A 321 -6.58 9.72 -1.66
CA LEU A 321 -7.33 10.33 -2.75
C LEU A 321 -6.69 11.64 -3.25
N VAL A 322 -6.71 11.81 -4.57
CA VAL A 322 -6.26 13.01 -5.27
C VAL A 322 -7.35 13.46 -6.23
N VAL A 323 -7.65 14.76 -6.18
CA VAL A 323 -8.66 15.38 -7.05
C VAL A 323 -7.96 16.49 -7.83
N ILE A 324 -7.96 16.38 -9.16
CA ILE A 324 -7.44 17.41 -10.07
C ILE A 324 -8.68 18.03 -10.73
N SER A 325 -8.80 19.35 -10.65
CA SER A 325 -10.00 20.01 -11.16
C SER A 325 -9.70 21.39 -11.74
N GLU A 326 -10.76 22.09 -12.23
CA GLU A 326 -10.70 23.46 -12.75
C GLU A 326 -10.66 24.45 -11.60
N SER A 327 -9.57 25.22 -11.49
CA SER A 327 -9.42 26.23 -10.46
C SER A 327 -10.42 27.38 -10.68
N GLN A 328 -11.00 27.84 -9.57
CA GLN A 328 -11.99 28.92 -9.51
C GLN A 328 -11.32 30.17 -8.91
N GLY A 329 -9.98 30.15 -8.83
CA GLY A 329 -9.15 31.16 -8.18
C GLY A 329 -8.89 30.67 -6.78
N THR A 330 -7.80 31.13 -6.16
CA THR A 330 -7.37 30.67 -4.83
C THR A 330 -8.41 30.82 -3.73
N GLU A 331 -9.12 31.98 -3.66
CA GLU A 331 -10.13 32.21 -2.62
C GLU A 331 -11.29 31.20 -2.69
N GLU A 332 -11.88 31.04 -3.87
CA GLU A 332 -12.99 30.11 -4.12
C GLU A 332 -12.54 28.64 -3.93
N ASP A 333 -11.30 28.29 -4.36
CA ASP A 333 -10.71 26.95 -4.21
C ASP A 333 -10.59 26.61 -2.76
N GLU A 334 -10.11 27.57 -1.96
CA GLU A 334 -9.98 27.42 -0.53
C GLU A 334 -11.36 27.27 0.14
N ARG A 335 -12.40 28.00 -0.36
CA ARG A 335 -13.75 27.87 0.20
C ARG A 335 -14.33 26.49 -0.13
N ASN A 336 -14.13 26.05 -1.39
CA ASN A 336 -14.56 24.75 -1.93
C ASN A 336 -13.90 23.57 -1.23
N LEU A 337 -12.60 23.68 -0.85
CA LEU A 337 -11.92 22.58 -0.16
C LEU A 337 -12.44 22.46 1.27
N ARG A 338 -12.86 23.60 1.88
CA ARG A 338 -13.47 23.62 3.20
C ARG A 338 -14.85 22.96 3.14
N ALA A 339 -15.66 23.26 2.10
CA ALA A 339 -16.97 22.63 1.92
C ALA A 339 -16.82 21.12 1.63
N PHE A 340 -15.74 20.73 0.89
CA PHE A 340 -15.46 19.33 0.56
C PHE A 340 -15.18 18.58 1.89
N THR A 341 -14.36 19.18 2.76
CA THR A 341 -13.97 18.65 4.07
C THR A 341 -15.18 18.50 4.99
N GLU A 342 -16.08 19.51 5.02
CA GLU A 342 -17.28 19.48 5.85
C GLU A 342 -18.21 18.34 5.42
N ALA A 343 -18.38 18.13 4.09
CA ALA A 343 -19.21 17.06 3.54
C ALA A 343 -18.57 15.70 3.85
N MET A 344 -17.24 15.59 3.66
CA MET A 344 -16.49 14.36 3.95
C MET A 344 -16.66 13.94 5.42
N THR A 345 -16.56 14.92 6.37
CA THR A 345 -16.75 14.76 7.82
C THR A 345 -18.20 14.30 8.12
N ARG A 346 -19.22 14.90 7.46
CA ARG A 346 -20.62 14.50 7.61
C ARG A 346 -20.82 13.04 7.20
N TYR A 347 -20.11 12.59 6.16
CA TYR A 347 -20.21 11.23 5.66
C TYR A 347 -19.38 10.25 6.51
N SER A 348 -18.73 10.74 7.57
CA SER A 348 -17.87 9.98 8.47
C SER A 348 -16.53 9.59 7.77
N ALA A 349 -15.84 10.59 7.19
CA ALA A 349 -14.50 10.46 6.64
C ALA A 349 -13.75 11.77 7.00
N PRO A 350 -13.59 12.06 8.33
CA PRO A 350 -12.97 13.31 8.78
C PRO A 350 -11.51 13.47 8.35
N PRO A 351 -10.99 14.71 8.22
CA PRO A 351 -9.61 14.85 7.78
C PRO A 351 -8.58 14.63 8.88
N GLY A 352 -7.39 14.22 8.46
CA GLY A 352 -6.23 14.15 9.33
C GLY A 352 -5.67 15.55 9.21
N ASP A 353 -4.87 15.79 8.17
CA ASP A 353 -4.37 17.12 7.85
C ASP A 353 -5.35 17.74 6.84
N PRO A 354 -5.82 18.99 7.05
CA PRO A 354 -6.78 19.59 6.09
C PRO A 354 -6.22 19.69 4.67
N PRO A 355 -7.05 19.51 3.62
CA PRO A 355 -6.50 19.62 2.26
C PRO A 355 -6.16 21.07 1.89
N ARG A 356 -5.13 21.22 1.04
CA ARG A 356 -4.66 22.52 0.54
C ARG A 356 -4.61 22.48 -0.98
N PRO A 357 -5.13 23.53 -1.64
CA PRO A 357 -5.06 23.57 -3.11
C PRO A 357 -3.63 23.79 -3.58
N GLU A 358 -3.23 23.09 -4.64
CA GLU A 358 -1.90 23.23 -5.22
C GLU A 358 -2.05 23.60 -6.66
N TYR A 359 -1.15 24.43 -7.17
CA TYR A 359 -1.21 24.93 -8.55
C TYR A 359 -0.05 24.48 -9.39
N ASP A 360 0.70 23.51 -8.85
CA ASP A 360 1.81 22.82 -9.48
C ASP A 360 1.62 21.36 -9.12
N LEU A 361 1.53 20.49 -10.14
CA LEU A 361 1.32 19.05 -9.95
C LEU A 361 2.35 18.45 -8.96
N GLU A 362 3.62 18.91 -8.99
CA GLU A 362 4.76 18.46 -8.17
C GLU A 362 4.59 18.68 -6.67
N LEU A 363 3.69 19.60 -6.28
CA LEU A 363 3.46 20.02 -4.90
C LEU A 363 2.42 19.19 -4.16
N ILE A 364 1.75 18.24 -4.84
CA ILE A 364 0.73 17.38 -4.19
C ILE A 364 1.43 16.13 -3.64
N THR A 365 1.18 15.80 -2.38
CA THR A 365 1.68 14.58 -1.74
C THR A 365 0.53 13.62 -1.52
N SER A 366 0.66 12.40 -2.00
CA SER A 366 -0.34 11.34 -1.87
C SER A 366 0.38 10.01 -1.84
N CYS A 367 -0.04 9.08 -0.95
CA CYS A 367 0.62 7.77 -0.78
C CYS A 367 2.11 8.03 -0.49
N SER A 368 2.37 9.09 0.32
CA SER A 368 3.69 9.59 0.73
C SER A 368 4.57 10.09 -0.43
N SER A 369 4.02 10.15 -1.66
CA SER A 369 4.76 10.46 -2.87
C SER A 369 4.40 11.75 -3.55
N ASN A 370 5.30 12.25 -4.40
CA ASN A 370 5.06 13.42 -5.25
C ASN A 370 5.73 13.19 -6.59
N VAL A 371 5.23 13.89 -7.60
CA VAL A 371 5.77 13.90 -8.94
C VAL A 371 7.00 14.83 -8.93
N SER A 372 8.08 14.39 -9.57
CA SER A 372 9.29 15.20 -9.70
C SER A 372 9.72 15.21 -11.16
N VAL A 373 10.59 16.16 -11.49
CA VAL A 373 11.09 16.30 -12.85
C VAL A 373 12.61 16.14 -12.84
N ALA A 374 13.12 15.32 -13.74
CA ALA A 374 14.55 15.18 -13.96
C ALA A 374 14.79 15.40 -15.46
N LEU A 375 15.97 15.86 -15.82
CA LEU A 375 16.35 16.04 -17.22
C LEU A 375 17.15 14.84 -17.72
N GLY A 376 16.91 14.44 -18.97
CA GLY A 376 17.66 13.38 -19.62
C GLY A 376 19.00 13.91 -20.12
N PRO A 377 19.87 13.05 -20.73
CA PRO A 377 21.18 13.55 -21.21
C PRO A 377 21.12 14.64 -22.30
N ARG A 378 20.01 14.74 -23.05
CA ARG A 378 19.82 15.78 -24.08
C ARG A 378 18.91 16.94 -23.62
N GLY A 379 18.58 16.96 -22.31
CA GLY A 379 17.80 18.05 -21.72
C GLY A 379 16.30 17.88 -21.64
N ARG A 380 15.78 16.74 -22.09
CA ARG A 380 14.33 16.46 -22.07
C ARG A 380 13.84 16.23 -20.62
N ARG A 381 12.72 16.88 -20.27
CA ARG A 381 12.03 16.76 -18.97
C ARG A 381 11.34 15.41 -18.85
N ARG A 382 11.67 14.62 -17.82
CA ARG A 382 10.99 13.35 -17.56
C ARG A 382 10.27 13.51 -16.23
N TYR A 383 9.07 13.00 -16.13
CA TYR A 383 8.27 13.07 -14.90
C TYR A 383 8.23 11.71 -14.28
N TYR A 384 8.36 11.63 -12.92
CA TYR A 384 8.37 10.35 -12.21
C TYR A 384 7.94 10.55 -10.76
N LEU A 385 7.57 9.45 -10.07
CA LEU A 385 7.16 9.54 -8.67
C LEU A 385 8.33 9.32 -7.74
N THR A 386 8.39 10.12 -6.69
CA THR A 386 9.44 10.04 -5.69
C THR A 386 8.81 10.23 -4.32
N ARG A 387 9.61 10.26 -3.25
CA ARG A 387 9.17 10.48 -1.89
C ARG A 387 10.40 10.86 -1.07
N ASP A 388 10.19 11.30 0.19
CA ASP A 388 11.31 11.59 1.07
C ASP A 388 12.00 10.25 1.34
N PRO A 389 13.33 10.14 1.12
CA PRO A 389 13.99 8.84 1.24
C PRO A 389 14.39 8.40 2.65
N THR A 390 14.25 9.25 3.69
CA THR A 390 14.67 8.96 5.06
C THR A 390 14.14 7.63 5.62
N THR A 391 12.81 7.42 5.64
CA THR A 391 12.21 6.18 6.18
C THR A 391 12.65 4.96 5.34
N PRO A 392 12.59 4.96 3.97
CA PRO A 392 13.13 3.80 3.21
C PRO A 392 14.62 3.54 3.48
N LEU A 393 15.44 4.62 3.63
CA LEU A 393 16.85 4.39 3.92
C LEU A 393 17.02 3.84 5.33
N ALA A 394 16.23 4.31 6.29
CA ALA A 394 16.29 3.83 7.68
C ALA A 394 15.91 2.35 7.74
N ARG A 395 14.88 1.93 6.94
CA ARG A 395 14.40 0.54 6.87
C ARG A 395 15.48 -0.35 6.27
N ALA A 396 16.17 0.14 5.20
CA ALA A 396 17.28 -0.55 4.57
C ALA A 396 18.42 -0.78 5.55
N ALA A 397 18.74 0.23 6.40
CA ALA A 397 19.79 0.14 7.43
C ALA A 397 19.43 -0.82 8.57
N TRP A 398 18.13 -0.91 8.96
CA TRP A 398 17.65 -1.76 10.06
C TRP A 398 18.11 -3.21 9.88
N GLU A 399 17.95 -3.71 8.67
CA GLU A 399 18.36 -5.04 8.22
C GLU A 399 19.89 -5.29 8.13
N THR A 400 20.74 -4.24 8.25
CA THR A 400 22.20 -4.49 8.22
C THR A 400 22.68 -5.01 9.56
N VAL A 401 21.95 -4.71 10.65
CA VAL A 401 22.28 -5.24 11.97
C VAL A 401 21.24 -6.33 12.35
N ARG A 402 20.08 -6.35 11.63
CA ARG A 402 19.00 -7.33 11.84
C ARG A 402 18.63 -8.09 10.58
N HIS A 403 19.35 -9.20 10.31
CA HIS A 403 19.11 -10.06 9.14
C HIS A 403 17.71 -10.69 9.19
N SER A 404 16.74 -10.01 8.56
CA SER A 404 15.33 -10.41 8.47
C SER A 404 15.10 -11.35 7.27
N PRO A 405 14.19 -12.37 7.38
CA PRO A 405 13.92 -13.22 6.21
C PRO A 405 13.05 -12.53 5.14
N ILE A 406 12.45 -11.37 5.49
CA ILE A 406 11.63 -10.55 4.59
C ILE A 406 12.26 -9.16 4.49
N ASN A 407 12.76 -8.80 3.28
CA ASN A 407 13.39 -7.52 2.97
C ASN A 407 12.28 -6.44 2.86
N SER A 408 12.40 -5.35 3.63
CA SER A 408 11.42 -4.26 3.69
C SER A 408 11.79 -3.00 2.88
N TRP A 409 12.63 -3.15 1.80
CA TRP A 409 13.11 -2.03 0.98
C TRP A 409 13.41 -2.38 -0.50
N LEU A 410 13.27 -3.66 -0.89
CA LEU A 410 13.38 -4.08 -2.29
C LEU A 410 12.14 -3.58 -3.07
N GLY A 411 11.01 -3.41 -2.37
CA GLY A 411 9.81 -2.81 -2.93
C GLY A 411 10.08 -1.36 -3.35
N ASN A 412 10.97 -0.65 -2.62
CA ASN A 412 11.38 0.70 -2.98
C ASN A 412 12.17 0.75 -4.26
N ILE A 413 13.05 -0.23 -4.50
CA ILE A 413 13.84 -0.28 -5.74
C ILE A 413 12.89 -0.42 -6.91
N ILE A 414 11.87 -1.27 -6.77
CA ILE A 414 10.91 -1.48 -7.84
C ILE A 414 10.02 -0.24 -8.05
N GLN A 415 9.38 0.26 -7.00
CA GLN A 415 8.46 1.39 -7.12
C GLN A 415 9.10 2.71 -7.44
N TYR A 416 10.33 2.93 -6.95
CA TYR A 416 11.00 4.21 -7.09
C TYR A 416 12.33 4.12 -7.84
N ALA A 417 12.44 3.13 -8.77
CA ALA A 417 13.63 2.88 -9.57
C ALA A 417 14.23 4.13 -10.26
N PRO A 418 13.47 5.14 -10.79
CA PRO A 418 14.11 6.31 -11.40
C PRO A 418 14.73 7.32 -10.43
N THR A 419 14.46 7.19 -9.11
CA THR A 419 14.88 8.18 -8.13
C THR A 419 16.38 8.20 -7.86
N ILE A 420 16.90 9.35 -7.46
CA ILE A 420 18.32 9.50 -7.14
C ILE A 420 18.71 8.60 -5.96
N TRP A 421 17.81 8.50 -4.96
CA TRP A 421 18.07 7.74 -3.75
C TRP A 421 18.03 6.26 -3.98
N VAL A 422 17.15 5.77 -4.88
CA VAL A 422 17.17 4.34 -5.19
C VAL A 422 18.43 3.98 -6.02
N ARG A 423 18.72 4.75 -7.06
CA ARG A 423 19.81 4.44 -7.98
C ARG A 423 21.18 4.53 -7.33
N MET A 424 21.44 5.64 -6.63
CA MET A 424 22.76 5.85 -6.02
C MET A 424 23.01 5.10 -4.71
N VAL A 425 21.98 4.90 -3.89
CA VAL A 425 22.19 4.27 -2.60
C VAL A 425 21.67 2.86 -2.53
N LEU A 426 20.34 2.69 -2.65
CA LEU A 426 19.68 1.39 -2.48
C LEU A 426 20.19 0.30 -3.42
N MET A 427 20.32 0.61 -4.71
CA MET A 427 20.82 -0.33 -5.73
C MET A 427 22.27 -0.69 -5.47
N THR A 428 23.09 0.30 -5.14
CA THR A 428 24.49 0.12 -4.82
C THR A 428 24.67 -0.82 -3.63
N HIS A 429 23.95 -0.53 -2.53
CA HIS A 429 24.00 -1.30 -1.29
C HIS A 429 23.44 -2.74 -1.51
N PHE A 430 22.26 -2.86 -2.12
CA PHE A 430 21.60 -4.15 -2.38
C PHE A 430 22.46 -5.11 -3.24
N PHE A 431 22.94 -4.65 -4.40
CA PHE A 431 23.78 -5.50 -5.26
C PHE A 431 25.09 -5.89 -4.58
N SER A 432 25.67 -4.95 -3.78
CA SER A 432 26.87 -5.24 -3.01
C SER A 432 26.63 -6.37 -2.02
N ILE A 433 25.54 -6.30 -1.22
CA ILE A 433 25.25 -7.32 -0.20
C ILE A 433 24.86 -8.67 -0.84
N LEU A 434 24.26 -8.66 -2.04
CA LEU A 434 23.94 -9.92 -2.73
C LEU A 434 25.18 -10.66 -3.22
N MET A 435 26.20 -9.91 -3.64
CA MET A 435 27.46 -10.49 -4.10
C MET A 435 28.33 -10.99 -2.93
N VAL A 436 28.31 -10.30 -1.77
CA VAL A 436 29.03 -10.69 -0.55
C VAL A 436 28.42 -11.99 0.04
N GLN A 437 27.08 -12.10 0.03
CA GLN A 437 26.33 -13.25 0.56
C GLN A 437 26.27 -14.40 -0.44
N ASP A 438 26.59 -14.13 -1.72
CA ASP A 438 26.52 -15.08 -2.84
C ASP A 438 25.05 -15.57 -3.07
N THR A 439 24.09 -14.64 -2.90
CA THR A 439 22.64 -14.85 -3.07
C THR A 439 22.05 -14.10 -4.26
N LEU A 440 22.91 -13.66 -5.21
CA LEU A 440 22.53 -12.91 -6.42
C LEU A 440 21.38 -13.52 -7.22
N ASP A 441 21.55 -14.80 -7.64
CA ASP A 441 20.60 -15.56 -8.46
C ASP A 441 19.43 -16.20 -7.68
N GLN A 442 19.36 -15.99 -6.36
CA GLN A 442 18.28 -16.57 -5.55
C GLN A 442 17.04 -15.68 -5.51
N ASN A 443 15.86 -16.29 -5.51
CA ASN A 443 14.59 -15.54 -5.38
C ASN A 443 14.47 -15.06 -3.92
N LEU A 444 14.06 -13.81 -3.72
CA LEU A 444 13.92 -13.27 -2.36
C LEU A 444 12.52 -12.79 -2.06
N ASN A 445 12.15 -12.85 -0.77
CA ASN A 445 10.84 -12.41 -0.28
C ASN A 445 10.91 -10.96 0.19
N PHE A 446 9.91 -10.16 -0.22
CA PHE A 446 9.79 -8.76 0.16
C PHE A 446 8.35 -8.34 0.40
N GLU A 447 8.15 -7.41 1.35
CA GLU A 447 6.84 -6.88 1.69
C GLU A 447 6.49 -5.67 0.82
N MET A 448 5.25 -5.66 0.28
CA MET A 448 4.71 -4.60 -0.57
C MET A 448 3.19 -4.46 -0.38
N TYR A 449 2.75 -3.44 0.39
CA TYR A 449 1.35 -3.10 0.71
C TYR A 449 0.58 -4.27 1.33
N GLY A 450 1.12 -4.79 2.44
CA GLY A 450 0.55 -5.90 3.19
C GLY A 450 0.46 -7.17 2.37
N SER A 451 1.60 -7.55 1.75
CA SER A 451 1.73 -8.72 0.88
C SER A 451 3.21 -9.07 0.79
N VAL A 452 3.53 -10.37 0.82
CA VAL A 452 4.89 -10.88 0.73
C VAL A 452 5.07 -11.45 -0.69
N TYR A 453 5.79 -10.69 -1.53
CA TYR A 453 6.08 -11.06 -2.92
C TYR A 453 7.45 -11.72 -3.02
N SER A 454 7.69 -12.42 -4.12
CA SER A 454 8.96 -13.08 -4.43
C SER A 454 9.44 -12.56 -5.79
N VAL A 455 10.74 -12.20 -5.89
CA VAL A 455 11.36 -11.69 -7.11
C VAL A 455 12.83 -12.14 -7.22
N ASN A 456 13.36 -12.22 -8.46
CA ASN A 456 14.76 -12.56 -8.64
C ASN A 456 15.48 -11.26 -8.95
N PRO A 457 16.53 -10.91 -8.17
CA PRO A 457 17.24 -9.62 -8.39
C PRO A 457 17.80 -9.41 -9.79
N LEU A 458 18.18 -10.51 -10.48
CA LEU A 458 18.75 -10.47 -11.84
C LEU A 458 17.75 -10.03 -12.89
N ASP A 459 16.44 -10.09 -12.56
CA ASP A 459 15.36 -9.66 -13.43
C ASP A 459 15.01 -8.17 -13.28
N LEU A 460 15.62 -7.48 -12.28
CA LEU A 460 15.34 -6.07 -11.99
C LEU A 460 15.43 -5.14 -13.22
N PRO A 461 16.44 -5.18 -14.10
CA PRO A 461 16.42 -4.27 -15.26
C PRO A 461 15.18 -4.46 -16.15
N ALA A 462 14.74 -5.73 -16.37
CA ALA A 462 13.53 -6.00 -17.17
C ALA A 462 12.26 -5.47 -16.47
N ILE A 463 12.10 -5.74 -15.15
CA ILE A 463 10.96 -5.30 -14.34
C ILE A 463 10.86 -3.76 -14.37
N ILE A 464 11.99 -3.08 -14.17
CA ILE A 464 12.08 -1.62 -14.11
C ILE A 464 11.67 -1.01 -15.44
N GLU A 465 12.20 -1.52 -16.57
CA GLU A 465 11.84 -1.00 -17.89
C GLU A 465 10.34 -1.17 -18.17
N ARG A 466 9.77 -2.31 -17.78
CA ARG A 466 8.35 -2.60 -17.98
C ARG A 466 7.47 -1.62 -17.18
N LEU A 467 7.87 -1.29 -15.93
CA LEU A 467 7.11 -0.43 -15.03
C LEU A 467 7.36 1.07 -15.14
N HIS A 468 8.55 1.46 -15.63
CA HIS A 468 8.98 2.85 -15.65
C HIS A 468 9.42 3.34 -17.00
N GLY A 469 9.77 2.41 -17.90
CA GLY A 469 10.34 2.71 -19.20
C GLY A 469 11.85 2.78 -19.13
N LEU A 470 12.52 2.84 -20.30
CA LEU A 470 13.99 2.95 -20.42
C LEU A 470 14.51 4.21 -19.73
N ASP A 471 13.68 5.27 -19.63
CA ASP A 471 13.98 6.54 -18.98
C ASP A 471 14.49 6.42 -17.53
N ALA A 472 14.09 5.34 -16.83
CA ALA A 472 14.53 5.07 -15.45
C ALA A 472 16.05 4.92 -15.32
N PHE A 473 16.74 4.60 -16.43
CA PHE A 473 18.19 4.36 -16.45
C PHE A 473 19.00 5.53 -16.97
N SER A 474 18.33 6.68 -17.20
CA SER A 474 18.98 7.87 -17.73
C SER A 474 18.41 9.19 -17.17
N MET A 475 17.98 9.22 -15.88
CA MET A 475 17.54 10.46 -15.23
C MET A 475 18.87 11.14 -14.88
N HIS A 476 19.33 12.02 -15.78
CA HIS A 476 20.66 12.63 -15.72
C HIS A 476 20.78 13.85 -14.81
N THR A 477 19.79 14.74 -14.81
CA THR A 477 19.88 15.95 -13.99
C THR A 477 18.65 16.01 -13.10
N TYR A 478 18.86 15.75 -11.80
CA TYR A 478 17.82 15.75 -10.78
C TYR A 478 17.54 17.14 -10.31
N SER A 479 16.32 17.40 -9.77
CA SER A 479 15.98 18.72 -9.24
C SER A 479 16.77 18.98 -7.96
N HIS A 480 16.94 20.27 -7.61
CA HIS A 480 17.61 20.73 -6.40
C HIS A 480 16.98 20.07 -5.15
N HIS A 481 15.64 20.00 -5.11
CA HIS A 481 14.88 19.39 -4.02
C HIS A 481 15.22 17.89 -3.81
N GLU A 482 15.28 17.11 -4.92
CA GLU A 482 15.65 15.69 -4.85
C GLU A 482 17.10 15.51 -4.35
N LEU A 483 18.03 16.37 -4.84
CA LEU A 483 19.42 16.37 -4.41
C LEU A 483 19.53 16.65 -2.89
N THR A 484 18.87 17.71 -2.40
CA THR A 484 18.84 18.10 -0.97
C THR A 484 18.19 17.03 -0.09
N ARG A 485 17.08 16.45 -0.57
CA ARG A 485 16.36 15.40 0.15
C ARG A 485 17.25 14.17 0.44
N VAL A 486 18.01 13.64 -0.54
CA VAL A 486 18.87 12.46 -0.33
C VAL A 486 20.07 12.85 0.57
N ALA A 487 20.69 14.03 0.33
CA ALA A 487 21.83 14.50 1.12
C ALA A 487 21.47 14.68 2.58
N SER A 488 20.29 15.30 2.89
CA SER A 488 19.83 15.46 4.28
C SER A 488 19.50 14.10 4.90
N ALA A 489 18.79 13.19 4.15
CA ALA A 489 18.43 11.86 4.65
C ALA A 489 19.69 11.09 5.06
N LEU A 490 20.74 11.13 4.20
CA LEU A 490 22.01 10.44 4.47
C LEU A 490 22.69 11.00 5.74
N ARG A 491 22.78 12.34 5.85
CA ARG A 491 23.33 13.08 7.02
C ARG A 491 22.55 12.73 8.33
N LYS A 492 21.21 12.79 8.29
CA LYS A 492 20.34 12.49 9.45
C LYS A 492 20.48 11.06 9.96
N LEU A 493 20.71 10.08 9.07
CA LEU A 493 20.85 8.68 9.46
C LEU A 493 22.28 8.27 9.82
N GLY A 494 23.23 9.19 9.64
CA GLY A 494 24.65 8.96 9.88
C GLY A 494 25.29 8.16 8.75
N ALA A 495 24.66 8.16 7.57
CA ALA A 495 25.17 7.39 6.45
C ALA A 495 26.23 8.14 5.63
N PRO A 496 27.09 7.41 4.89
CA PRO A 496 28.07 8.09 4.03
C PRO A 496 27.39 8.99 2.97
N PRO A 497 28.05 10.10 2.58
CA PRO A 497 27.46 11.00 1.56
C PRO A 497 27.49 10.40 0.15
N LEU A 498 26.80 11.04 -0.82
CA LEU A 498 26.68 10.60 -2.22
C LEU A 498 27.99 10.35 -2.97
N ARG A 499 29.04 11.12 -2.70
CA ARG A 499 30.34 10.88 -3.34
C ARG A 499 30.89 9.47 -3.02
N VAL A 500 30.64 8.97 -1.79
CA VAL A 500 31.05 7.63 -1.38
C VAL A 500 30.22 6.60 -2.16
N TRP A 501 28.90 6.81 -2.24
CA TRP A 501 28.00 5.87 -2.97
C TRP A 501 28.36 5.77 -4.45
N LYS A 502 28.77 6.89 -5.06
CA LYS A 502 29.20 6.98 -6.46
C LYS A 502 30.48 6.14 -6.66
N SER A 503 31.46 6.20 -5.72
CA SER A 503 32.69 5.39 -5.81
C SER A 503 32.34 3.92 -5.65
N ARG A 504 31.50 3.59 -4.64
CA ARG A 504 31.09 2.20 -4.41
C ARG A 504 30.36 1.65 -5.63
N ALA A 505 29.48 2.47 -6.27
CA ALA A 505 28.70 2.01 -7.43
C ALA A 505 29.58 1.61 -8.61
N ARG A 506 30.72 2.31 -8.81
CA ARG A 506 31.69 1.99 -9.88
C ARG A 506 32.28 0.58 -9.68
N ALA A 507 32.58 0.20 -8.41
CA ALA A 507 33.07 -1.12 -8.05
C ALA A 507 31.96 -2.19 -8.16
N VAL A 508 30.73 -1.85 -7.76
CA VAL A 508 29.58 -2.74 -7.81
C VAL A 508 29.26 -3.05 -9.29
N ARG A 509 29.27 -2.01 -10.13
CA ARG A 509 29.03 -2.07 -11.58
C ARG A 509 30.03 -3.05 -12.22
N ALA A 510 31.35 -2.84 -11.96
CA ALA A 510 32.45 -3.67 -12.43
C ALA A 510 32.34 -5.13 -11.94
N SER A 511 31.97 -5.35 -10.66
CA SER A 511 31.81 -6.70 -10.11
C SER A 511 30.64 -7.45 -10.74
N LEU A 512 29.57 -6.73 -11.14
CA LEU A 512 28.40 -7.32 -11.77
C LEU A 512 28.71 -7.71 -13.21
N ILE A 513 29.43 -6.83 -13.94
CA ILE A 513 29.82 -7.00 -15.32
C ILE A 513 30.72 -8.23 -15.48
N SER A 514 31.62 -8.46 -14.48
CA SER A 514 32.57 -9.56 -14.45
C SER A 514 31.88 -10.92 -14.32
N ARG A 515 30.66 -10.97 -13.76
CA ARG A 515 29.92 -12.22 -13.63
C ARG A 515 29.21 -12.63 -14.93
N GLY A 516 29.13 -11.72 -15.90
CA GLY A 516 28.46 -11.93 -17.19
C GLY A 516 26.96 -12.18 -17.05
N GLY A 517 26.33 -12.56 -18.16
CA GLY A 517 24.90 -12.89 -18.23
C GLY A 517 23.99 -11.79 -17.71
N LYS A 518 23.03 -12.14 -16.86
CA LYS A 518 22.05 -11.20 -16.28
C LYS A 518 22.70 -10.25 -15.26
N ALA A 519 23.74 -10.72 -14.55
CA ALA A 519 24.48 -9.89 -13.59
C ALA A 519 25.16 -8.74 -14.33
N ALA A 520 25.72 -8.99 -15.55
CA ALA A 520 26.34 -7.95 -16.37
C ALA A 520 25.32 -6.93 -16.92
N VAL A 521 24.08 -7.39 -17.22
CA VAL A 521 22.97 -6.52 -17.70
C VAL A 521 22.63 -5.53 -16.55
N CYS A 522 22.51 -6.05 -15.29
CA CYS A 522 22.25 -5.29 -14.06
C CYS A 522 23.33 -4.21 -13.92
N GLY A 523 24.60 -4.60 -14.04
CA GLY A 523 25.71 -3.67 -13.94
C GLY A 523 25.67 -2.59 -15.01
N ARG A 524 25.36 -2.97 -16.27
CA ARG A 524 25.33 -1.99 -17.38
C ARG A 524 24.11 -1.04 -17.33
N TYR A 525 22.92 -1.57 -17.04
CA TYR A 525 21.68 -0.75 -17.03
C TYR A 525 21.45 0.06 -15.79
N LEU A 526 21.67 -0.56 -14.62
CA LEU A 526 21.39 0.04 -13.31
C LEU A 526 22.44 1.00 -12.84
N PHE A 527 23.67 0.90 -13.35
CA PHE A 527 24.76 1.74 -12.86
C PHE A 527 25.44 2.58 -13.94
N ASN A 528 24.74 2.85 -15.05
CA ASN A 528 25.26 3.74 -16.10
C ASN A 528 25.47 5.17 -15.59
N TRP A 529 24.68 5.57 -14.56
CA TRP A 529 24.80 6.90 -13.96
C TRP A 529 26.17 7.12 -13.30
N ALA A 530 26.84 6.01 -12.88
CA ALA A 530 28.10 6.02 -12.12
C ALA A 530 29.36 6.22 -12.97
N VAL A 531 29.22 6.15 -14.30
CA VAL A 531 30.33 6.32 -15.24
C VAL A 531 30.15 7.55 -16.16
N LYS A 532 31.25 8.23 -16.51
CA LYS A 532 31.23 9.39 -17.42
C LYS A 532 31.15 8.93 -18.89
N THR A 533 31.76 7.77 -19.22
CA THR A 533 31.68 7.22 -20.57
C THR A 533 30.46 6.30 -20.55
N LYS A 534 29.30 6.86 -20.95
CA LYS A 534 27.99 6.20 -20.95
C LYS A 534 27.86 5.16 -22.03
N LEU A 535 27.21 4.07 -21.72
CA LEU A 535 26.88 3.06 -22.72
C LEU A 535 25.54 3.48 -23.30
N LYS A 536 25.27 3.13 -24.56
CA LYS A 536 23.97 3.43 -25.16
C LYS A 536 23.04 2.32 -24.73
N LEU A 537 22.10 2.65 -23.83
CA LEU A 537 21.15 1.65 -23.32
C LEU A 537 19.99 1.51 -24.28
N THR A 538 19.75 0.29 -24.73
CA THR A 538 18.70 -0.02 -25.71
C THR A 538 17.58 -0.83 -25.07
N PRO A 539 16.35 -0.84 -25.63
CA PRO A 539 15.26 -1.62 -25.01
C PRO A 539 15.63 -3.08 -24.78
N LEU A 540 15.18 -3.64 -23.64
CA LEU A 540 15.47 -5.02 -23.33
C LEU A 540 14.39 -5.91 -23.93
N PRO A 541 14.74 -6.88 -24.84
CA PRO A 541 13.71 -7.79 -25.37
C PRO A 541 12.94 -8.47 -24.23
N GLU A 542 13.65 -8.72 -23.11
CA GLU A 542 13.11 -9.31 -21.88
C GLU A 542 11.97 -8.46 -21.30
N ALA A 543 12.08 -7.10 -21.37
CA ALA A 543 11.03 -6.20 -20.87
C ALA A 543 9.68 -6.43 -21.58
N ARG A 544 9.70 -7.03 -22.79
CA ARG A 544 8.48 -7.41 -23.52
C ARG A 544 7.83 -8.75 -23.00
N LEU A 545 8.05 -9.11 -21.70
CA LEU A 545 7.47 -10.27 -20.99
C LEU A 545 6.48 -9.80 -19.88
N LEU A 546 5.66 -10.70 -19.30
CA LEU A 546 4.62 -10.32 -18.34
C LEU A 546 4.98 -10.50 -16.85
N ASP A 547 4.91 -9.38 -16.11
CA ASP A 547 5.15 -9.32 -14.68
C ASP A 547 3.82 -9.35 -13.94
N LEU A 548 2.76 -8.86 -14.61
CA LEU A 548 1.39 -8.80 -14.08
C LEU A 548 0.57 -9.95 -14.62
#